data_4JZ6
#
_entry.id   4JZ6
#
_cell.length_a   169.470
_cell.length_b   169.470
_cell.length_c   157.940
_cell.angle_alpha   90.00
_cell.angle_beta   90.00
_cell.angle_gamma   120.00
#
_symmetry.space_group_name_H-M   'P 64 2 2'
#
loop_
_entity.id
_entity.type
_entity.pdbx_description
1 polymer 'Salicylaldehyde dehydrogenase NahF'
2 non-polymer SALICYLALDEHYDE
3 non-polymer 'SULFATE ION'
4 non-polymer 1,2-ETHANEDIOL
5 water water
#
_entity_poly.entity_id   1
_entity_poly.type   'polypeptide(L)'
_entity_poly.pdbx_seq_one_letter_code
;MVNHHHHHHENLYFQGHMKTKLFINNAWIDSSDQQTFERKHPVSSEVMTESANATVTDAIKAAQAAEEAFKTWKDVGPSE
RRRLLLKVADVMESKTPKFIEVMAMEVGASALWAGFNVHASANVFREAASLATQIQGETIPTDKAETLSMTLRQPVGPIL
SIVPWNGTAVLAARAIAYPLVCGNTVVFKGSEFSPATHALITQCVQEAGLPAGVLNYLNSSPDRSPEIADALISAKEIRR
INFTGSTRVGSIIAQKAAQHLKRCLLELGGKSPLIVLDDADINAAVKAAVFGSFLFQGQICMSTERLVVDEKIADEFVAR
FVEKTERLSVGDPCLTGDCIIGPMVSPNSGERINGLFKDAIDKGAKVVCGGMAQGAVMPATILDHVKSDMRIYDEETFGP
ITVVIRCKGEAEAIRIANDSVYGLSSGVFGRDINRALRVGMSIEYGCVHINGSTVQNEAQAPYGGTKNTGYGRFDGRAVI
DEFTELKWLTIEPFEQQYPF
;
_entity_poly.pdbx_strand_id   A
#
# COMPACT_ATOMS: atom_id res chain seq x y z
N HIS A 17 28.16 -1.33 -6.08
CA HIS A 17 26.76 -1.11 -5.67
C HIS A 17 26.08 0.04 -6.42
N MET A 18 24.74 0.04 -6.40
CA MET A 18 23.96 1.05 -7.10
C MET A 18 24.04 2.44 -6.45
N LYS A 19 24.10 3.47 -7.29
CA LYS A 19 24.15 4.85 -6.80
C LYS A 19 22.93 5.66 -7.25
N THR A 20 22.26 6.29 -6.28
CA THR A 20 20.95 6.90 -6.48
C THR A 20 20.89 8.36 -5.99
N LYS A 21 20.28 9.24 -6.78
CA LYS A 21 20.19 10.65 -6.41
C LYS A 21 18.76 11.09 -6.09
N LEU A 22 18.61 12.39 -5.78
CA LEU A 22 17.29 13.00 -5.65
C LEU A 22 16.79 13.45 -7.02
N PHE A 23 15.50 13.70 -7.14
CA PHE A 23 14.95 14.16 -8.42
C PHE A 23 14.02 15.36 -8.27
N ILE A 24 14.47 16.52 -8.77
CA ILE A 24 13.67 17.74 -8.74
C ILE A 24 13.79 18.50 -10.07
N ASN A 25 12.64 18.87 -10.64
CA ASN A 25 12.59 19.63 -11.90
C ASN A 25 13.32 18.97 -13.06
N ASN A 26 13.02 17.70 -13.32
CA ASN A 26 13.65 16.96 -14.41
C ASN A 26 15.18 16.92 -14.27
N ALA A 27 15.65 17.01 -13.03
CA ALA A 27 17.09 16.98 -12.77
C ALA A 27 17.43 16.03 -11.63
N TRP A 28 18.37 15.13 -11.87
CA TRP A 28 18.88 14.26 -10.83
C TRP A 28 20.04 14.95 -10.11
N ILE A 29 19.91 15.10 -8.80
CA ILE A 29 20.83 15.93 -8.02
C ILE A 29 21.19 15.33 -6.67
N ASP A 30 22.29 15.80 -6.10
CA ASP A 30 22.67 15.44 -4.74
C ASP A 30 21.83 16.24 -3.76
N SER A 31 21.87 15.86 -2.48
CA SER A 31 21.14 16.60 -1.45
C SER A 31 21.89 17.88 -1.13
N SER A 32 21.21 18.82 -0.48
CA SER A 32 21.78 20.14 -0.21
C SER A 32 23.04 20.10 0.65
N ASP A 33 23.34 18.94 1.22
CA ASP A 33 24.52 18.79 2.06
C ASP A 33 25.46 17.71 1.54
N GLN A 34 25.26 17.30 0.29
CA GLN A 34 26.04 16.26 -0.37
C GLN A 34 26.21 14.99 0.48
N GLN A 35 25.25 14.75 1.36
CA GLN A 35 25.31 13.59 2.25
C GLN A 35 24.54 12.41 1.65
N THR A 36 24.99 11.20 1.98
CA THR A 36 24.32 10.01 1.50
C THR A 36 23.87 9.11 2.64
N PHE A 37 23.12 8.07 2.28
CA PHE A 37 22.77 7.01 3.21
C PHE A 37 22.70 5.71 2.42
N GLU A 38 22.85 4.58 3.11
CA GLU A 38 22.94 3.29 2.43
C GLU A 38 21.79 2.35 2.75
N ARG A 39 21.51 1.47 1.81
CA ARG A 39 20.62 0.35 2.03
C ARG A 39 21.49 -0.90 2.01
N LYS A 40 21.86 -1.39 3.19
CA LYS A 40 22.65 -2.62 3.27
C LYS A 40 21.70 -3.81 3.29
N HIS A 41 22.16 -4.94 2.74
CA HIS A 41 21.40 -6.18 2.79
C HIS A 41 21.20 -6.57 4.25
N PRO A 42 19.97 -6.93 4.62
CA PRO A 42 19.63 -7.20 6.02
C PRO A 42 20.33 -8.42 6.63
N VAL A 43 20.88 -9.34 5.83
CA VAL A 43 21.59 -10.47 6.43
C VAL A 43 23.11 -10.46 6.16
N SER A 44 23.52 -9.98 4.98
CA SER A 44 24.94 -10.01 4.59
C SER A 44 25.67 -8.73 4.98
N SER A 45 24.89 -7.66 5.20
CA SER A 45 25.39 -6.32 5.50
C SER A 45 26.06 -5.64 4.30
N GLU A 46 26.06 -6.32 3.15
CA GLU A 46 26.65 -5.76 1.95
C GLU A 46 25.83 -4.58 1.44
N VAL A 47 26.51 -3.53 0.98
CA VAL A 47 25.83 -2.35 0.48
C VAL A 47 25.11 -2.63 -0.83
N MET A 48 23.78 -2.48 -0.83
CA MET A 48 23.01 -2.69 -2.05
C MET A 48 22.85 -1.38 -2.83
N THR A 49 22.51 -0.29 -2.12
CA THR A 49 22.30 1.00 -2.75
C THR A 49 22.81 2.16 -1.88
N GLU A 50 23.48 3.12 -2.51
CA GLU A 50 23.85 4.36 -1.85
C GLU A 50 23.00 5.48 -2.44
N SER A 51 22.25 6.17 -1.59
CA SER A 51 21.31 7.19 -2.05
C SER A 51 21.64 8.58 -1.49
N ALA A 52 21.31 9.62 -2.25
CA ALA A 52 21.39 10.99 -1.75
C ALA A 52 20.47 11.12 -0.55
N ASN A 53 20.97 11.78 0.50
CA ASN A 53 20.20 11.91 1.74
C ASN A 53 19.57 13.28 1.84
N ALA A 54 18.34 13.41 1.39
CA ALA A 54 17.64 14.69 1.31
C ALA A 54 17.61 15.43 2.65
N THR A 55 17.65 16.74 2.57
CA THR A 55 17.47 17.57 3.75
C THR A 55 16.09 18.21 3.69
N VAL A 56 15.73 18.90 4.76
CA VAL A 56 14.48 19.66 4.79
C VAL A 56 14.51 20.71 3.67
N THR A 57 15.68 21.32 3.48
CA THR A 57 15.87 22.28 2.40
C THR A 57 15.50 21.67 1.05
N ASP A 58 15.97 20.45 0.80
CA ASP A 58 15.65 19.75 -0.45
C ASP A 58 14.15 19.53 -0.57
N ALA A 59 13.51 19.22 0.55
CA ALA A 59 12.08 18.94 0.55
C ALA A 59 11.27 20.19 0.18
N ILE A 60 11.68 21.34 0.68
CA ILE A 60 10.98 22.57 0.38
C ILE A 60 11.18 22.93 -1.10
N LYS A 61 12.39 22.69 -1.61
CA LYS A 61 12.69 22.91 -3.02
C LYS A 61 11.80 22.04 -3.88
N ALA A 62 11.54 20.83 -3.39
CA ALA A 62 10.67 19.88 -4.10
C ALA A 62 9.24 20.38 -4.15
N ALA A 63 8.76 20.92 -3.04
CA ALA A 63 7.40 21.42 -2.97
C ALA A 63 7.22 22.64 -3.87
N GLN A 64 8.20 23.54 -3.81
CA GLN A 64 8.17 24.75 -4.63
C GLN A 64 8.14 24.39 -6.11
N ALA A 65 8.98 23.45 -6.50
CA ALA A 65 8.97 22.93 -7.87
C ALA A 65 7.58 22.39 -8.24
N ALA A 66 7.01 21.57 -7.37
CA ALA A 66 5.69 21.01 -7.61
C ALA A 66 4.63 22.09 -7.74
N GLU A 67 4.68 23.08 -6.86
CA GLU A 67 3.74 24.20 -6.90
C GLU A 67 3.86 24.95 -8.21
N GLU A 68 5.09 25.27 -8.59
CA GLU A 68 5.37 26.03 -9.80
C GLU A 68 4.87 25.30 -11.05
N ALA A 69 5.15 24.00 -11.12
CA ALA A 69 4.76 23.21 -12.28
C ALA A 69 3.24 23.09 -12.36
N PHE A 70 2.59 23.05 -11.19
CA PHE A 70 1.14 22.94 -11.13
C PHE A 70 0.46 24.03 -11.95
N LYS A 71 1.11 25.20 -12.05
CA LYS A 71 0.55 26.37 -12.75
C LYS A 71 0.16 26.09 -14.20
N THR A 72 0.92 25.22 -14.86
CA THR A 72 0.62 24.84 -16.23
C THR A 72 0.04 23.42 -16.30
N TRP A 73 0.50 22.56 -15.39
CA TRP A 73 0.10 21.16 -15.42
C TRP A 73 -1.41 20.99 -15.17
N LYS A 74 -2.00 21.89 -14.38
CA LYS A 74 -3.41 21.78 -14.04
C LYS A 74 -4.29 21.98 -15.26
N ASP A 75 -3.75 22.65 -16.27
CA ASP A 75 -4.51 22.99 -17.47
C ASP A 75 -4.26 22.06 -18.66
N VAL A 76 -3.36 21.09 -18.50
CA VAL A 76 -3.11 20.08 -19.53
C VAL A 76 -4.38 19.25 -19.76
N GLY A 77 -4.73 19.04 -21.03
CA GLY A 77 -5.97 18.35 -21.38
C GLY A 77 -5.96 16.87 -21.10
N PRO A 78 -7.14 16.22 -21.18
CA PRO A 78 -7.26 14.78 -20.91
C PRO A 78 -6.52 13.91 -21.92
N SER A 79 -6.48 14.33 -23.18
CA SER A 79 -5.82 13.53 -24.21
C SER A 79 -4.34 13.38 -23.92
N GLU A 80 -3.70 14.50 -23.60
CA GLU A 80 -2.26 14.50 -23.33
C GLU A 80 -1.92 13.75 -22.04
N ARG A 81 -2.75 13.91 -21.01
CA ARG A 81 -2.57 13.19 -19.75
C ARG A 81 -2.63 11.69 -19.97
N ARG A 82 -3.64 11.24 -20.72
CA ARG A 82 -3.79 9.83 -21.02
C ARG A 82 -2.59 9.29 -21.80
N ARG A 83 -2.15 10.04 -22.80
CA ARG A 83 -1.03 9.61 -23.64
C ARG A 83 0.22 9.43 -22.80
N LEU A 84 0.49 10.42 -21.96
CA LEU A 84 1.67 10.43 -21.10
C LEU A 84 1.66 9.26 -20.12
N LEU A 85 0.54 9.05 -19.44
CA LEU A 85 0.44 7.97 -18.46
C LEU A 85 0.56 6.60 -19.13
N LEU A 86 -0.10 6.44 -20.26
CA LEU A 86 0.00 5.22 -21.03
C LEU A 86 1.47 4.90 -21.34
N LYS A 87 2.22 5.94 -21.69
CA LYS A 87 3.64 5.80 -21.97
C LYS A 87 4.45 5.34 -20.76
N VAL A 88 4.12 5.87 -19.58
CA VAL A 88 4.78 5.44 -18.34
C VAL A 88 4.68 3.93 -18.21
N ALA A 89 3.47 3.40 -18.40
CA ALA A 89 3.24 1.97 -18.32
C ALA A 89 4.12 1.21 -19.32
N ASP A 90 4.16 1.69 -20.57
CA ASP A 90 5.01 1.07 -21.57
C ASP A 90 6.47 1.06 -21.13
N VAL A 91 6.91 2.20 -20.60
CA VAL A 91 8.30 2.36 -20.18
C VAL A 91 8.65 1.47 -18.98
N MET A 92 7.72 1.35 -18.03
CA MET A 92 7.95 0.48 -16.89
C MET A 92 8.09 -0.98 -17.33
N GLU A 93 7.25 -1.41 -18.28
CA GLU A 93 7.31 -2.79 -18.74
C GLU A 93 8.61 -3.04 -19.51
N SER A 94 9.13 -1.99 -20.14
CA SER A 94 10.38 -2.12 -20.90
C SER A 94 11.56 -2.28 -19.97
N LYS A 95 11.38 -1.99 -18.68
CA LYS A 95 12.46 -2.07 -17.71
C LYS A 95 12.25 -3.21 -16.73
N THR A 96 11.39 -4.17 -17.08
CA THR A 96 11.02 -5.27 -16.19
C THR A 96 12.20 -6.05 -15.56
N PRO A 97 13.18 -6.48 -16.37
CA PRO A 97 14.31 -7.22 -15.78
C PRO A 97 15.07 -6.43 -14.70
N LYS A 98 15.19 -5.11 -14.87
CA LYS A 98 15.89 -4.28 -13.88
C LYS A 98 15.12 -4.21 -12.58
N PHE A 99 13.80 -4.07 -12.67
CA PHE A 99 12.95 -4.05 -11.49
C PHE A 99 13.10 -5.35 -10.71
N ILE A 100 13.04 -6.47 -11.41
CA ILE A 100 13.20 -7.78 -10.79
C ILE A 100 14.51 -7.82 -10.04
N GLU A 101 15.58 -7.39 -10.71
CA GLU A 101 16.93 -7.44 -10.16
C GLU A 101 17.09 -6.53 -8.94
N VAL A 102 16.60 -5.31 -9.05
CA VAL A 102 16.77 -4.33 -7.99
C VAL A 102 15.93 -4.68 -6.76
N MET A 103 14.68 -5.05 -6.99
CA MET A 103 13.79 -5.43 -5.91
C MET A 103 14.30 -6.66 -5.16
N ALA A 104 14.96 -7.57 -5.89
CA ALA A 104 15.56 -8.74 -5.26
C ALA A 104 16.69 -8.31 -4.33
N MET A 105 17.46 -7.32 -4.75
CA MET A 105 18.61 -6.86 -3.96
C MET A 105 18.18 -6.05 -2.75
N GLU A 106 17.23 -5.14 -2.96
CA GLU A 106 16.86 -4.18 -1.93
C GLU A 106 15.91 -4.72 -0.88
N VAL A 107 14.87 -5.43 -1.31
CA VAL A 107 13.80 -5.81 -0.40
C VAL A 107 13.51 -7.30 -0.39
N GLY A 108 14.48 -8.09 -0.87
CA GLY A 108 14.38 -9.54 -0.84
C GLY A 108 13.16 -10.10 -1.54
N ALA A 109 12.74 -9.45 -2.62
CA ALA A 109 11.58 -9.88 -3.38
C ALA A 109 11.94 -10.96 -4.38
N SER A 110 11.17 -12.04 -4.38
CA SER A 110 11.31 -13.08 -5.39
C SER A 110 10.87 -12.53 -6.75
N ALA A 111 11.27 -13.21 -7.81
CA ALA A 111 10.88 -12.81 -9.15
C ALA A 111 9.35 -12.77 -9.29
N LEU A 112 8.67 -13.66 -8.58
CA LEU A 112 7.22 -13.68 -8.58
C LEU A 112 6.66 -12.33 -8.14
N TRP A 113 7.07 -11.87 -6.96
CA TRP A 113 6.56 -10.64 -6.35
C TRP A 113 7.04 -9.41 -7.11
N ALA A 114 8.28 -9.44 -7.57
CA ALA A 114 8.83 -8.34 -8.34
C ALA A 114 8.08 -8.20 -9.65
N GLY A 115 7.98 -9.31 -10.38
CA GLY A 115 7.29 -9.33 -11.65
C GLY A 115 5.86 -8.85 -11.53
N PHE A 116 5.18 -9.29 -10.47
CA PHE A 116 3.83 -8.83 -10.20
C PHE A 116 3.78 -7.33 -9.96
N ASN A 117 4.75 -6.82 -9.18
CA ASN A 117 4.81 -5.40 -8.87
C ASN A 117 4.88 -4.55 -10.13
N VAL A 118 5.64 -5.04 -11.10
CA VAL A 118 5.76 -4.31 -12.35
C VAL A 118 4.43 -4.31 -13.11
N HIS A 119 3.89 -5.50 -13.35
CA HIS A 119 2.59 -5.64 -14.01
C HIS A 119 1.54 -4.73 -13.37
N ALA A 120 1.46 -4.81 -12.04
CA ALA A 120 0.52 -4.02 -11.26
C ALA A 120 0.76 -2.53 -11.40
N SER A 121 2.03 -2.12 -11.40
CA SER A 121 2.40 -0.73 -11.57
C SER A 121 1.98 -0.21 -12.95
N ALA A 122 2.31 -0.98 -13.99
CA ALA A 122 1.98 -0.60 -15.35
C ALA A 122 0.47 -0.52 -15.49
N ASN A 123 -0.24 -1.45 -14.88
CA ASN A 123 -1.68 -1.45 -14.98
C ASN A 123 -2.33 -0.28 -14.25
N VAL A 124 -1.77 0.12 -13.11
CA VAL A 124 -2.24 1.30 -12.40
C VAL A 124 -2.15 2.51 -13.32
N PHE A 125 -0.99 2.70 -13.95
CA PHE A 125 -0.80 3.81 -14.87
C PHE A 125 -1.76 3.75 -16.06
N ARG A 126 -2.08 2.54 -16.53
CA ARG A 126 -3.04 2.44 -17.63
C ARG A 126 -4.46 2.74 -17.18
N GLU A 127 -4.82 2.23 -15.99
CA GLU A 127 -6.12 2.50 -15.43
C GLU A 127 -6.28 3.98 -15.19
N ALA A 128 -5.24 4.59 -14.60
CA ALA A 128 -5.25 6.02 -14.37
C ALA A 128 -5.39 6.75 -15.70
N ALA A 129 -4.58 6.34 -16.68
CA ALA A 129 -4.65 6.89 -18.03
C ALA A 129 -6.06 6.84 -18.61
N SER A 130 -6.74 5.70 -18.42
CA SER A 130 -8.09 5.51 -18.93
C SER A 130 -9.06 6.48 -18.29
N LEU A 131 -8.78 6.86 -17.05
CA LEU A 131 -9.69 7.68 -16.27
C LEU A 131 -9.70 9.15 -16.69
N ALA A 132 -8.74 9.51 -17.55
CA ALA A 132 -8.52 10.90 -17.96
C ALA A 132 -9.79 11.64 -18.36
N THR A 133 -10.63 10.97 -19.15
CA THR A 133 -11.88 11.55 -19.61
C THR A 133 -13.04 11.23 -18.66
N GLN A 134 -12.75 10.47 -17.61
CA GLN A 134 -13.78 9.96 -16.72
C GLN A 134 -13.86 10.70 -15.39
N ILE A 135 -13.00 11.69 -15.22
CA ILE A 135 -13.08 12.55 -14.04
C ILE A 135 -14.18 13.56 -14.26
N GLN A 136 -15.40 13.19 -13.90
CA GLN A 136 -16.55 14.00 -14.25
C GLN A 136 -17.36 14.52 -13.06
N GLY A 137 -18.09 15.59 -13.30
CA GLY A 137 -19.01 16.13 -12.32
C GLY A 137 -20.42 15.93 -12.82
N GLU A 138 -21.35 16.69 -12.26
CA GLU A 138 -22.76 16.48 -12.58
C GLU A 138 -23.46 17.79 -12.94
N THR A 139 -24.48 17.71 -13.78
CA THR A 139 -25.39 18.82 -13.96
C THR A 139 -26.65 18.49 -13.17
N ILE A 140 -27.03 19.38 -12.25
CA ILE A 140 -28.01 19.06 -11.23
C ILE A 140 -29.26 19.94 -11.33
N PRO A 141 -30.45 19.32 -11.23
CA PRO A 141 -31.73 20.03 -11.17
C PRO A 141 -31.73 21.12 -10.09
N THR A 142 -32.38 22.24 -10.37
CA THR A 142 -32.54 23.32 -9.39
C THR A 142 -33.92 23.96 -9.54
N ASP A 143 -34.48 24.43 -8.42
CA ASP A 143 -35.77 25.09 -8.47
C ASP A 143 -35.63 26.48 -9.10
N LYS A 144 -34.45 27.05 -8.96
CA LYS A 144 -34.16 28.39 -9.45
C LYS A 144 -34.30 28.46 -10.97
N ALA A 145 -34.97 29.49 -11.47
CA ALA A 145 -35.20 29.61 -12.90
C ALA A 145 -33.98 30.16 -13.62
N GLU A 146 -33.83 29.80 -14.89
CA GLU A 146 -32.77 30.30 -15.76
C GLU A 146 -31.40 30.12 -15.13
N THR A 147 -31.20 28.99 -14.45
CA THR A 147 -29.97 28.75 -13.72
C THR A 147 -29.40 27.38 -14.02
N LEU A 148 -28.10 27.31 -14.27
CA LEU A 148 -27.42 26.04 -14.34
C LEU A 148 -26.76 25.74 -13.02
N SER A 149 -27.07 24.58 -12.44
CA SER A 149 -26.35 24.12 -11.27
C SER A 149 -25.56 22.87 -11.64
N MET A 150 -24.29 22.84 -11.24
CA MET A 150 -23.42 21.75 -11.64
C MET A 150 -22.29 21.55 -10.65
N THR A 151 -21.64 20.39 -10.73
CA THR A 151 -20.42 20.15 -9.98
C THR A 151 -19.26 19.98 -10.94
N LEU A 152 -18.09 20.46 -10.54
CA LEU A 152 -16.89 20.29 -11.33
C LEU A 152 -15.86 19.52 -10.50
N ARG A 153 -15.11 18.65 -11.17
CA ARG A 153 -13.95 18.03 -10.54
C ARG A 153 -12.66 18.56 -11.13
N GLN A 154 -11.93 19.32 -10.32
CA GLN A 154 -10.74 20.05 -10.79
C GLN A 154 -9.51 19.55 -10.05
N PRO A 155 -8.31 19.94 -10.53
CA PRO A 155 -7.09 19.51 -9.82
C PRO A 155 -6.99 20.17 -8.44
N VAL A 156 -6.22 19.57 -7.54
CA VAL A 156 -6.06 20.08 -6.19
C VAL A 156 -4.83 20.96 -6.05
N GLY A 157 -3.68 20.46 -6.50
CA GLY A 157 -2.42 21.13 -6.30
C GLY A 157 -1.36 20.09 -5.98
N PRO A 158 -0.23 20.53 -5.42
CA PRO A 158 0.82 19.59 -5.04
C PRO A 158 0.35 18.57 -4.00
N ILE A 159 0.53 17.29 -4.30
CA ILE A 159 0.18 16.21 -3.38
C ILE A 159 1.44 15.63 -2.75
N LEU A 160 1.42 15.44 -1.44
CA LEU A 160 2.51 14.73 -0.77
C LEU A 160 2.22 13.22 -0.72
N SER A 161 3.02 12.44 -1.45
CA SER A 161 2.85 10.99 -1.49
C SER A 161 3.98 10.27 -0.78
N ILE A 162 3.66 9.65 0.36
CA ILE A 162 4.65 8.90 1.11
C ILE A 162 4.47 7.39 0.90
N VAL A 163 5.52 6.73 0.44
CA VAL A 163 5.43 5.35 -0.04
C VAL A 163 6.43 4.43 0.64
N PRO A 164 5.96 3.27 1.14
CA PRO A 164 6.82 2.31 1.84
C PRO A 164 7.58 1.40 0.86
N TRP A 165 8.10 0.28 1.36
CA TRP A 165 9.07 -0.53 0.62
C TRP A 165 8.52 -1.90 0.16
N ASN A 166 7.37 -2.32 0.68
CA ASN A 166 6.91 -3.69 0.46
C ASN A 166 6.25 -3.95 -0.90
N GLY A 167 5.18 -3.23 -1.20
CA GLY A 167 4.64 -3.20 -2.55
C GLY A 167 5.48 -2.21 -3.31
N THR A 168 6.76 -2.51 -3.40
CA THR A 168 7.83 -1.57 -3.75
C THR A 168 7.52 -0.69 -4.94
N ALA A 169 6.97 -1.29 -5.98
CA ALA A 169 6.69 -0.56 -7.21
C ALA A 169 5.25 -0.06 -7.27
N VAL A 170 4.30 -0.96 -7.03
CA VAL A 170 2.89 -0.63 -7.23
C VAL A 170 2.39 0.45 -6.25
N LEU A 171 2.94 0.46 -5.04
CA LEU A 171 2.55 1.46 -4.04
C LEU A 171 3.03 2.85 -4.40
N ALA A 172 4.17 2.92 -5.07
CA ALA A 172 4.65 4.18 -5.61
C ALA A 172 3.76 4.57 -6.79
N ALA A 173 3.55 3.63 -7.70
CA ALA A 173 2.80 3.86 -8.93
C ALA A 173 1.43 4.46 -8.65
N ARG A 174 0.70 3.83 -7.73
CA ARG A 174 -0.62 4.31 -7.33
C ARG A 174 -0.54 5.74 -6.80
N ALA A 175 0.52 6.06 -6.06
CA ALA A 175 0.66 7.37 -5.42
C ALA A 175 1.18 8.44 -6.38
N ILE A 176 1.39 8.06 -7.63
CA ILE A 176 1.84 8.98 -8.65
C ILE A 176 0.81 9.06 -9.78
N ALA A 177 0.51 7.91 -10.37
CA ALA A 177 -0.39 7.82 -11.51
C ALA A 177 -1.69 8.55 -11.27
N TYR A 178 -2.33 8.27 -10.14
CA TYR A 178 -3.63 8.85 -9.86
C TYR A 178 -3.59 10.37 -9.64
N PRO A 179 -2.69 10.85 -8.75
CA PRO A 179 -2.63 12.31 -8.63
C PRO A 179 -2.26 13.01 -9.95
N LEU A 180 -1.46 12.35 -10.78
CA LEU A 180 -1.11 12.92 -12.08
C LEU A 180 -2.33 13.08 -13.00
N VAL A 181 -3.07 11.99 -13.22
CA VAL A 181 -4.22 12.05 -14.11
C VAL A 181 -5.30 13.03 -13.62
N CYS A 182 -5.29 13.32 -12.32
CA CYS A 182 -6.22 14.30 -11.76
C CYS A 182 -5.69 15.72 -11.88
N GLY A 183 -4.55 15.86 -12.54
CA GLY A 183 -4.00 17.17 -12.86
C GLY A 183 -3.13 17.74 -11.77
N ASN A 184 -2.77 16.90 -10.80
CA ASN A 184 -1.93 17.35 -9.70
C ASN A 184 -0.46 17.07 -9.96
N THR A 185 0.41 17.75 -9.21
CA THR A 185 1.83 17.44 -9.20
C THR A 185 2.14 16.85 -7.85
N VAL A 186 3.24 16.11 -7.74
CA VAL A 186 3.49 15.37 -6.50
C VAL A 186 4.93 15.41 -6.00
N VAL A 187 5.07 15.59 -4.69
CA VAL A 187 6.32 15.34 -3.99
C VAL A 187 6.29 13.90 -3.49
N PHE A 188 7.10 13.05 -4.11
CA PHE A 188 7.16 11.61 -3.84
C PHE A 188 8.26 11.33 -2.84
N LYS A 189 7.86 10.92 -1.62
CA LYS A 189 8.83 10.52 -0.60
C LYS A 189 8.96 9.00 -0.59
N GLY A 190 10.13 8.52 -0.98
CA GLY A 190 10.38 7.10 -1.10
C GLY A 190 10.84 6.45 0.20
N SER A 191 11.16 5.16 0.12
CA SER A 191 11.52 4.40 1.31
C SER A 191 13.02 4.23 1.48
N GLU A 192 13.47 4.23 2.72
CA GLU A 192 14.88 4.09 3.02
C GLU A 192 15.38 2.70 2.63
N PHE A 193 14.48 1.73 2.57
CA PHE A 193 14.85 0.35 2.24
C PHE A 193 14.78 0.08 0.74
N SER A 194 14.18 1.00 0.00
CA SER A 194 13.95 0.81 -1.43
C SER A 194 14.34 2.02 -2.29
N PRO A 195 15.55 2.58 -2.09
CA PRO A 195 15.81 3.82 -2.84
C PRO A 195 16.12 3.62 -4.32
N ALA A 196 16.72 2.49 -4.69
CA ALA A 196 17.02 2.24 -6.09
C ALA A 196 15.74 1.99 -6.88
N THR A 197 14.81 1.26 -6.28
CA THR A 197 13.56 0.93 -6.94
C THR A 197 12.69 2.16 -7.14
N HIS A 198 12.62 3.00 -6.12
CA HIS A 198 11.83 4.23 -6.18
C HIS A 198 12.45 5.27 -7.11
N ALA A 199 13.77 5.30 -7.18
CA ALA A 199 14.44 6.15 -8.14
C ALA A 199 14.11 5.64 -9.54
N LEU A 200 14.13 4.32 -9.70
CA LEU A 200 13.85 3.70 -10.99
C LEU A 200 12.45 4.02 -11.50
N ILE A 201 11.45 3.87 -10.64
CA ILE A 201 10.08 4.15 -11.04
C ILE A 201 9.97 5.61 -11.44
N THR A 202 10.67 6.46 -10.71
CA THR A 202 10.74 7.88 -11.04
C THR A 202 11.32 8.06 -12.43
N GLN A 203 12.44 7.38 -12.68
CA GLN A 203 13.10 7.47 -13.97
C GLN A 203 12.15 7.10 -15.11
N CYS A 204 11.35 6.06 -14.89
CA CYS A 204 10.36 5.65 -15.87
C CYS A 204 9.42 6.80 -16.21
N VAL A 205 8.91 7.46 -15.18
CA VAL A 205 8.04 8.60 -15.38
C VAL A 205 8.75 9.71 -16.17
N GLN A 206 10.03 9.93 -15.86
CA GLN A 206 10.82 10.92 -16.58
C GLN A 206 10.90 10.59 -18.07
N GLU A 207 11.17 9.33 -18.38
CA GLU A 207 11.35 8.90 -19.77
C GLU A 207 10.05 8.82 -20.56
N ALA A 208 8.91 8.85 -19.88
CA ALA A 208 7.63 8.91 -20.56
C ALA A 208 7.36 10.33 -21.04
N GLY A 209 8.10 11.28 -20.47
CA GLY A 209 8.06 12.65 -20.94
C GLY A 209 7.22 13.60 -20.12
N LEU A 210 7.00 13.29 -18.85
CA LEU A 210 6.26 14.17 -17.96
C LEU A 210 6.97 15.51 -17.83
N PRO A 211 6.20 16.60 -17.87
CA PRO A 211 6.76 17.96 -17.73
C PRO A 211 7.57 18.12 -16.45
N ALA A 212 8.56 19.00 -16.48
CA ALA A 212 9.43 19.19 -15.34
C ALA A 212 8.66 19.67 -14.12
N GLY A 213 8.91 19.05 -12.97
CA GLY A 213 8.34 19.49 -11.71
C GLY A 213 7.00 18.86 -11.41
N VAL A 214 6.51 18.05 -12.35
CA VAL A 214 5.24 17.37 -12.13
C VAL A 214 5.44 16.21 -11.13
N LEU A 215 6.57 15.54 -11.23
CA LEU A 215 6.95 14.53 -10.23
C LEU A 215 8.32 14.83 -9.65
N ASN A 216 8.38 14.92 -8.32
CA ASN A 216 9.63 15.21 -7.63
C ASN A 216 9.89 14.16 -6.56
N TYR A 217 11.11 13.64 -6.52
CA TYR A 217 11.42 12.46 -5.72
C TYR A 217 12.40 12.74 -4.59
N LEU A 218 12.03 12.30 -3.40
CA LEU A 218 12.86 12.49 -2.21
C LEU A 218 13.02 11.18 -1.47
N ASN A 219 14.23 10.94 -0.96
CA ASN A 219 14.48 9.82 -0.07
C ASN A 219 15.48 10.25 0.99
N SER A 220 15.48 9.55 2.13
CA SER A 220 16.37 9.92 3.22
C SER A 220 16.62 8.76 4.17
N SER A 221 17.62 8.91 5.02
CA SER A 221 17.80 8.00 6.13
C SER A 221 16.61 8.16 7.06
N PRO A 222 16.22 7.07 7.74
CA PRO A 222 15.01 7.09 8.58
C PRO A 222 15.08 8.11 9.72
N ASP A 223 16.28 8.53 10.11
CA ASP A 223 16.44 9.50 11.18
C ASP A 223 15.95 10.88 10.73
N ARG A 224 15.78 11.05 9.43
CA ARG A 224 15.39 12.33 8.84
C ARG A 224 13.92 12.34 8.41
N SER A 225 13.37 11.14 8.16
CA SER A 225 12.00 11.01 7.66
C SER A 225 10.95 11.85 8.39
N PRO A 226 10.87 11.74 9.74
CA PRO A 226 9.85 12.53 10.44
C PRO A 226 9.92 14.02 10.13
N GLU A 227 11.09 14.63 10.25
CA GLU A 227 11.19 16.08 10.05
C GLU A 227 10.99 16.51 8.61
N ILE A 228 11.38 15.65 7.67
CA ILE A 228 11.13 15.91 6.26
C ILE A 228 9.63 15.87 6.00
N ALA A 229 8.95 14.91 6.62
CA ALA A 229 7.51 14.81 6.52
C ALA A 229 6.83 16.03 7.15
N ASP A 230 7.26 16.40 8.35
CA ASP A 230 6.70 17.55 9.06
C ASP A 230 6.82 18.82 8.23
N ALA A 231 7.97 19.02 7.60
CA ALA A 231 8.21 20.21 6.78
C ALA A 231 7.28 20.27 5.58
N LEU A 232 7.07 19.11 4.96
CA LEU A 232 6.20 19.03 3.80
C LEU A 232 4.72 19.22 4.16
N ILE A 233 4.32 18.64 5.28
CA ILE A 233 2.94 18.76 5.74
C ILE A 233 2.65 20.21 6.16
N SER A 234 3.65 20.84 6.78
CA SER A 234 3.51 22.23 7.23
C SER A 234 3.70 23.20 6.08
N ALA A 235 4.10 22.69 4.91
CA ALA A 235 4.38 23.51 3.75
C ALA A 235 3.09 23.98 3.06
N LYS A 236 3.00 25.30 2.83
CA LYS A 236 1.82 25.89 2.20
C LYS A 236 1.54 25.31 0.82
N GLU A 237 2.59 24.84 0.14
CA GLU A 237 2.46 24.32 -1.22
C GLU A 237 1.71 23.00 -1.25
N ILE A 238 1.96 22.16 -0.24
CA ILE A 238 1.35 20.83 -0.17
C ILE A 238 -0.13 20.90 0.24
N ARG A 239 -1.02 20.38 -0.62
CA ARG A 239 -2.45 20.55 -0.39
C ARG A 239 -3.10 19.34 0.28
N ARG A 240 -2.74 18.14 -0.17
CA ARG A 240 -3.24 16.91 0.44
C ARG A 240 -2.11 15.90 0.59
N ILE A 241 -2.35 14.89 1.43
CA ILE A 241 -1.32 13.91 1.75
C ILE A 241 -1.89 12.51 1.68
N ASN A 242 -1.19 11.61 0.99
CA ASN A 242 -1.47 10.19 1.08
C ASN A 242 -0.30 9.48 1.75
N PHE A 243 -0.60 8.65 2.75
CA PHE A 243 0.42 7.92 3.47
C PHE A 243 0.13 6.43 3.50
N THR A 244 1.13 5.64 3.15
CA THR A 244 1.01 4.20 3.25
C THR A 244 2.13 3.71 4.15
N GLY A 245 1.75 2.95 5.18
CA GLY A 245 2.70 2.53 6.20
C GLY A 245 2.01 2.14 7.49
N SER A 246 2.78 2.07 8.57
CA SER A 246 2.26 1.58 9.85
C SER A 246 1.24 2.52 10.48
N THR A 247 0.25 1.93 11.14
CA THR A 247 -0.76 2.66 11.90
C THR A 247 -0.10 3.62 12.87
N ARG A 248 0.88 3.11 13.60
CA ARG A 248 1.75 3.87 14.49
C ARG A 248 2.14 5.22 13.88
N VAL A 249 2.77 5.19 12.70
CA VAL A 249 3.23 6.40 12.04
C VAL A 249 2.07 7.18 11.41
N GLY A 250 1.09 6.46 10.89
CA GLY A 250 -0.07 7.05 10.24
C GLY A 250 -0.80 8.05 11.12
N SER A 251 -1.02 7.67 12.37
CA SER A 251 -1.66 8.57 13.34
C SER A 251 -0.86 9.86 13.49
N ILE A 252 0.45 9.71 13.66
CA ILE A 252 1.34 10.86 13.79
C ILE A 252 1.27 11.78 12.57
N ILE A 253 1.28 11.21 11.37
CA ILE A 253 1.11 11.98 10.14
C ILE A 253 -0.20 12.75 10.15
N ALA A 254 -1.29 12.06 10.52
CA ALA A 254 -2.62 12.66 10.49
C ALA A 254 -2.73 13.76 11.54
N GLN A 255 -2.11 13.54 12.69
CA GLN A 255 -2.07 14.57 13.74
C GLN A 255 -1.40 15.84 13.25
N LYS A 256 -0.36 15.69 12.43
CA LYS A 256 0.33 16.85 11.89
C LYS A 256 -0.55 17.55 10.86
N ALA A 257 -1.19 16.76 10.00
CA ALA A 257 -2.04 17.33 8.97
C ALA A 257 -3.27 18.02 9.58
N ALA A 258 -3.68 17.55 10.75
CA ALA A 258 -4.82 18.16 11.45
C ALA A 258 -4.48 19.56 11.93
N GLN A 259 -3.22 19.80 12.29
CA GLN A 259 -2.77 21.11 12.72
C GLN A 259 -2.89 22.13 11.59
N HIS A 260 -2.90 21.63 10.36
CA HIS A 260 -3.05 22.49 9.18
C HIS A 260 -4.30 22.16 8.37
N LEU A 261 -5.22 21.41 8.98
CA LEU A 261 -6.51 21.07 8.38
C LEU A 261 -6.38 20.42 6.98
N LYS A 262 -5.37 19.58 6.80
CA LYS A 262 -5.16 18.96 5.49
C LYS A 262 -5.72 17.56 5.44
N ARG A 263 -6.40 17.25 4.33
CA ARG A 263 -6.99 15.93 4.14
C ARG A 263 -5.92 14.87 3.91
N CYS A 264 -6.13 13.70 4.51
CA CYS A 264 -5.22 12.58 4.35
C CYS A 264 -5.89 11.36 3.73
N LEU A 265 -5.16 10.70 2.85
CA LEU A 265 -5.51 9.36 2.42
C LEU A 265 -4.59 8.43 3.20
N LEU A 266 -5.17 7.67 4.13
CA LEU A 266 -4.39 6.82 5.03
C LEU A 266 -4.56 5.34 4.71
N GLU A 267 -3.46 4.70 4.35
CA GLU A 267 -3.46 3.30 3.95
C GLU A 267 -2.55 2.54 4.90
N LEU A 268 -3.13 2.05 5.99
CA LEU A 268 -2.34 1.60 7.13
C LEU A 268 -2.38 0.09 7.35
N GLY A 269 -2.11 -0.32 8.59
CA GLY A 269 -1.89 -1.71 8.91
C GLY A 269 -3.10 -2.61 8.73
N GLY A 270 -2.86 -3.92 8.76
CA GLY A 270 -3.92 -4.91 8.67
C GLY A 270 -3.63 -6.12 9.53
N LYS A 271 -4.68 -6.90 9.79
CA LYS A 271 -4.57 -8.20 10.44
C LYS A 271 -5.54 -9.09 9.68
N SER A 272 -5.35 -9.12 8.36
CA SER A 272 -6.32 -9.71 7.44
C SER A 272 -6.56 -11.20 7.67
N PRO A 273 -7.83 -11.57 7.94
CA PRO A 273 -8.19 -12.94 8.30
C PRO A 273 -8.71 -13.75 7.12
N LEU A 274 -8.46 -15.05 7.15
CA LEU A 274 -9.16 -15.97 6.27
C LEU A 274 -10.15 -16.75 7.11
N ILE A 275 -11.45 -16.54 6.86
CA ILE A 275 -12.48 -17.25 7.58
C ILE A 275 -12.82 -18.58 6.90
N VAL A 276 -12.54 -19.68 7.60
CA VAL A 276 -12.81 -21.01 7.09
C VAL A 276 -13.97 -21.62 7.87
N LEU A 277 -15.16 -21.58 7.28
CA LEU A 277 -16.36 -22.07 7.94
C LEU A 277 -16.37 -23.59 7.95
N ASP A 278 -17.33 -24.20 8.64
CA ASP A 278 -17.37 -25.66 8.74
C ASP A 278 -17.72 -26.28 7.39
N ASP A 279 -18.08 -25.40 6.47
CA ASP A 279 -18.64 -25.72 5.18
C ASP A 279 -17.59 -25.73 4.08
N ALA A 280 -16.40 -25.27 4.40
CA ALA A 280 -15.40 -24.88 3.41
C ALA A 280 -14.86 -26.03 2.55
N ASP A 281 -14.54 -25.70 1.30
CA ASP A 281 -13.72 -26.54 0.44
C ASP A 281 -12.31 -26.43 1.03
N ILE A 282 -11.92 -27.41 1.84
CA ILE A 282 -10.65 -27.34 2.56
C ILE A 282 -9.44 -27.27 1.64
N ASN A 283 -9.49 -28.03 0.55
CA ASN A 283 -8.45 -27.94 -0.47
C ASN A 283 -8.27 -26.48 -0.93
N ALA A 284 -9.37 -25.88 -1.37
CA ALA A 284 -9.35 -24.51 -1.88
C ALA A 284 -8.91 -23.51 -0.82
N ALA A 285 -9.33 -23.73 0.42
CA ALA A 285 -9.02 -22.78 1.50
C ALA A 285 -7.55 -22.86 1.87
N VAL A 286 -7.00 -24.08 1.92
CA VAL A 286 -5.59 -24.25 2.21
C VAL A 286 -4.73 -23.53 1.17
N LYS A 287 -5.10 -23.67 -0.10
CA LYS A 287 -4.39 -22.99 -1.18
C LYS A 287 -4.41 -21.48 -1.02
N ALA A 288 -5.58 -20.93 -0.69
CA ALA A 288 -5.68 -19.49 -0.47
C ALA A 288 -4.87 -19.10 0.75
N ALA A 289 -4.91 -19.96 1.77
CA ALA A 289 -4.20 -19.69 3.01
C ALA A 289 -2.70 -19.66 2.77
N VAL A 290 -2.17 -20.71 2.14
CA VAL A 290 -0.75 -20.80 1.84
C VAL A 290 -0.26 -19.59 1.04
N PHE A 291 -1.05 -19.20 0.04
CA PHE A 291 -0.69 -18.08 -0.82
C PHE A 291 -0.71 -16.74 -0.08
N GLY A 292 -1.84 -16.45 0.56
CA GLY A 292 -2.03 -15.17 1.23
C GLY A 292 -1.12 -14.99 2.44
N SER A 293 -0.75 -16.10 3.07
CA SER A 293 0.08 -16.04 4.26
C SER A 293 1.55 -15.77 3.95
N PHE A 294 2.05 -16.38 2.88
CA PHE A 294 3.48 -16.42 2.68
C PHE A 294 4.02 -15.77 1.42
N LEU A 295 3.15 -15.13 0.65
CA LEU A 295 3.63 -14.36 -0.48
C LEU A 295 4.49 -13.21 0.07
N PHE A 296 5.67 -13.03 -0.51
CA PHE A 296 6.62 -11.99 -0.08
C PHE A 296 6.89 -12.04 1.43
N GLN A 297 6.96 -13.25 1.97
CA GLN A 297 7.28 -13.45 3.38
C GLN A 297 6.29 -12.79 4.33
N GLY A 298 5.01 -12.74 3.95
CA GLY A 298 4.01 -12.11 4.78
C GLY A 298 4.31 -10.65 5.09
N GLN A 299 5.04 -10.00 4.20
CA GLN A 299 5.36 -8.59 4.36
C GLN A 299 4.42 -7.72 3.55
N ILE A 300 3.18 -8.18 3.38
CA ILE A 300 2.17 -7.40 2.70
C ILE A 300 1.19 -6.95 3.76
N CYS A 301 0.71 -5.71 3.67
CA CYS A 301 -0.20 -5.19 4.70
C CYS A 301 -1.49 -6.01 4.74
N MET A 302 -1.81 -6.65 3.61
CA MET A 302 -2.99 -7.52 3.53
C MET A 302 -2.65 -9.01 3.61
N SER A 303 -1.41 -9.34 3.97
CA SER A 303 -1.02 -10.74 4.15
C SER A 303 -1.97 -11.38 5.14
N THR A 304 -2.31 -12.64 4.89
CA THR A 304 -3.21 -13.37 5.78
C THR A 304 -2.54 -13.54 7.14
N GLU A 305 -3.00 -12.77 8.13
CA GLU A 305 -2.39 -12.81 9.45
C GLU A 305 -3.20 -13.66 10.43
N ARG A 306 -4.45 -13.94 10.08
CA ARG A 306 -5.30 -14.81 10.89
C ARG A 306 -5.94 -15.88 10.03
N LEU A 307 -6.08 -17.08 10.58
CA LEU A 307 -6.90 -18.11 10.00
C LEU A 307 -7.99 -18.45 11.02
N VAL A 308 -9.17 -17.83 10.90
CA VAL A 308 -10.26 -18.19 11.81
C VAL A 308 -11.04 -19.40 11.26
N VAL A 309 -10.88 -20.53 11.93
CA VAL A 309 -11.42 -21.79 11.43
C VAL A 309 -12.41 -22.42 12.40
N ASP A 310 -13.46 -23.04 11.86
CA ASP A 310 -14.44 -23.69 12.70
C ASP A 310 -13.81 -24.93 13.33
N GLU A 311 -14.07 -25.14 14.61
CA GLU A 311 -13.49 -26.25 15.35
C GLU A 311 -13.76 -27.60 14.69
N LYS A 312 -14.93 -27.75 14.09
CA LYS A 312 -15.32 -29.02 13.46
C LYS A 312 -14.35 -29.42 12.36
N ILE A 313 -13.61 -28.44 11.87
CA ILE A 313 -12.84 -28.61 10.66
C ILE A 313 -11.35 -28.28 10.91
N ALA A 314 -11.10 -27.56 12.00
CA ALA A 314 -9.77 -27.03 12.33
C ALA A 314 -8.61 -28.01 12.25
N ASP A 315 -8.70 -29.12 12.99
CA ASP A 315 -7.63 -30.12 13.02
C ASP A 315 -7.24 -30.60 11.63
N GLU A 316 -8.22 -30.85 10.79
CA GLU A 316 -7.96 -31.33 9.44
C GLU A 316 -7.33 -30.23 8.61
N PHE A 317 -7.92 -29.04 8.67
CA PHE A 317 -7.41 -27.89 7.93
C PHE A 317 -5.98 -27.53 8.31
N VAL A 318 -5.73 -27.49 9.62
CA VAL A 318 -4.40 -27.16 10.13
C VAL A 318 -3.36 -28.17 9.66
N ALA A 319 -3.74 -29.44 9.63
CA ALA A 319 -2.83 -30.49 9.18
C ALA A 319 -2.40 -30.29 7.73
N ARG A 320 -3.37 -30.01 6.85
CA ARG A 320 -3.05 -29.79 5.43
C ARG A 320 -2.22 -28.53 5.25
N PHE A 321 -2.64 -27.46 5.91
CA PHE A 321 -1.95 -26.18 5.88
C PHE A 321 -0.48 -26.37 6.26
N VAL A 322 -0.24 -27.14 7.32
CA VAL A 322 1.11 -27.36 7.81
C VAL A 322 1.94 -28.16 6.81
N GLU A 323 1.31 -29.15 6.19
CA GLU A 323 1.97 -29.98 5.21
C GLU A 323 2.51 -29.12 4.07
N LYS A 324 1.63 -28.34 3.45
CA LYS A 324 2.01 -27.45 2.35
C LYS A 324 3.08 -26.43 2.76
N THR A 325 2.88 -25.83 3.93
CA THR A 325 3.74 -24.75 4.42
C THR A 325 5.19 -25.21 4.63
N GLU A 326 5.37 -26.37 5.27
CA GLU A 326 6.71 -26.94 5.49
C GLU A 326 7.48 -27.12 4.18
N ARG A 327 6.75 -27.51 3.13
CA ARG A 327 7.36 -27.79 1.82
C ARG A 327 7.83 -26.53 1.08
N LEU A 328 7.41 -25.35 1.53
CA LEU A 328 7.76 -24.09 0.87
C LEU A 328 9.25 -23.78 0.90
N SER A 329 9.76 -23.23 -0.21
CA SER A 329 11.18 -22.94 -0.36
C SER A 329 11.63 -21.69 0.39
N VAL A 330 12.72 -21.80 1.13
CA VAL A 330 13.31 -20.65 1.80
C VAL A 330 14.65 -20.32 1.17
N GLY A 331 14.93 -19.03 1.01
CA GLY A 331 16.20 -18.61 0.44
C GLY A 331 16.28 -17.14 0.10
N ASP A 332 17.34 -16.74 -0.59
CA ASP A 332 17.54 -15.35 -0.96
C ASP A 332 17.39 -15.16 -2.47
N PRO A 333 16.32 -14.48 -2.90
CA PRO A 333 16.04 -14.27 -4.33
C PRO A 333 17.17 -13.57 -5.09
N CYS A 334 18.00 -12.78 -4.41
CA CYS A 334 19.13 -12.15 -5.09
C CYS A 334 20.27 -13.14 -5.33
N LEU A 335 20.19 -14.31 -4.68
CA LEU A 335 21.19 -15.36 -4.84
C LEU A 335 20.68 -16.56 -5.63
N THR A 336 19.39 -16.85 -5.49
CA THR A 336 18.82 -18.06 -6.07
C THR A 336 17.33 -17.88 -6.33
N GLY A 337 16.81 -18.61 -7.32
CA GLY A 337 15.41 -18.46 -7.69
C GLY A 337 14.46 -19.35 -6.92
N ASP A 338 13.17 -19.22 -7.22
CA ASP A 338 12.13 -20.07 -6.66
C ASP A 338 11.98 -19.98 -5.13
N CYS A 339 12.51 -18.91 -4.57
CA CYS A 339 12.32 -18.66 -3.14
C CYS A 339 10.91 -18.16 -2.91
N ILE A 340 10.16 -18.86 -2.05
CA ILE A 340 8.86 -18.38 -1.64
C ILE A 340 9.06 -17.47 -0.43
N ILE A 341 9.86 -17.95 0.51
CA ILE A 341 10.16 -17.19 1.72
C ILE A 341 11.54 -16.53 1.63
N GLY A 342 11.58 -15.31 1.13
CA GLY A 342 12.82 -14.55 1.08
C GLY A 342 13.17 -13.97 2.44
N PRO A 343 14.29 -13.24 2.52
CA PRO A 343 14.61 -12.60 3.80
C PRO A 343 13.68 -11.43 4.07
N MET A 344 13.46 -11.12 5.35
CA MET A 344 12.70 -9.95 5.72
C MET A 344 13.50 -8.69 5.47
N VAL A 345 12.91 -7.53 5.70
CA VAL A 345 13.49 -6.27 5.24
C VAL A 345 14.64 -5.76 6.10
N SER A 346 14.60 -6.06 7.40
CA SER A 346 15.52 -5.45 8.34
C SER A 346 15.96 -6.44 9.40
N PRO A 347 17.21 -6.30 9.88
CA PRO A 347 17.76 -7.17 10.94
C PRO A 347 17.09 -6.89 12.28
N ASN A 348 15.79 -6.62 12.23
CA ASN A 348 15.05 -6.12 13.37
C ASN A 348 13.68 -6.75 13.33
N SER A 349 13.28 -7.14 12.13
CA SER A 349 11.95 -7.66 11.88
C SER A 349 11.68 -8.85 12.77
N GLY A 350 12.70 -9.67 12.97
CA GLY A 350 12.58 -10.87 13.80
C GLY A 350 12.52 -10.54 15.28
N GLU A 351 13.07 -9.38 15.65
CA GLU A 351 13.09 -8.96 17.03
C GLU A 351 11.67 -8.61 17.49
N ARG A 352 10.92 -7.94 16.62
CA ARG A 352 9.52 -7.64 16.89
C ARG A 352 8.69 -8.92 16.93
N ILE A 353 8.86 -9.76 15.91
CA ILE A 353 8.14 -11.02 15.80
C ILE A 353 8.35 -11.92 17.00
N ASN A 354 9.60 -12.07 17.42
CA ASN A 354 9.92 -12.90 18.58
C ASN A 354 9.27 -12.44 19.88
N GLY A 355 9.19 -11.13 20.08
CA GLY A 355 8.46 -10.59 21.21
C GLY A 355 7.02 -11.07 21.17
N LEU A 356 6.40 -10.97 20.01
CA LEU A 356 5.05 -11.48 19.78
C LEU A 356 4.99 -13.00 19.94
N PHE A 357 6.01 -13.67 19.43
CA PHE A 357 6.11 -15.13 19.45
C PHE A 357 6.21 -15.67 20.89
N LYS A 358 7.13 -15.13 21.67
CA LYS A 358 7.32 -15.57 23.05
C LYS A 358 6.04 -15.38 23.86
N ASP A 359 5.41 -14.22 23.71
CA ASP A 359 4.20 -13.90 24.44
C ASP A 359 3.10 -14.92 24.18
N ALA A 360 2.85 -15.18 22.89
CA ALA A 360 1.88 -16.20 22.48
C ALA A 360 2.25 -17.56 23.05
N ILE A 361 3.51 -17.94 22.90
CA ILE A 361 3.96 -19.25 23.32
C ILE A 361 3.90 -19.48 24.83
N ASP A 362 4.12 -18.40 25.60
CA ASP A 362 4.07 -18.47 27.05
C ASP A 362 2.63 -18.56 27.53
N LYS A 363 1.70 -18.15 26.68
CA LYS A 363 0.27 -18.14 27.01
C LYS A 363 -0.50 -19.29 26.40
N GLY A 364 0.20 -20.37 26.04
CA GLY A 364 -0.46 -21.57 25.60
C GLY A 364 -0.49 -21.84 24.10
N ALA A 365 -0.01 -20.89 23.31
CA ALA A 365 0.02 -21.09 21.86
C ALA A 365 0.88 -22.30 21.50
N LYS A 366 0.63 -22.85 20.31
CA LYS A 366 1.26 -24.08 19.89
C LYS A 366 1.90 -23.90 18.52
N VAL A 367 3.23 -24.03 18.46
CA VAL A 367 3.94 -23.97 17.19
C VAL A 367 3.67 -25.26 16.43
N VAL A 368 2.79 -25.21 15.44
CA VAL A 368 2.49 -26.41 14.67
C VAL A 368 3.48 -26.59 13.53
N CYS A 369 4.16 -25.51 13.17
CA CYS A 369 5.27 -25.59 12.23
C CYS A 369 6.13 -24.33 12.30
N GLY A 370 7.39 -24.45 11.93
CA GLY A 370 8.29 -23.31 11.94
C GLY A 370 9.08 -23.17 13.21
N GLY A 371 9.44 -21.93 13.53
CA GLY A 371 10.28 -21.65 14.68
C GLY A 371 10.46 -20.15 14.79
N MET A 372 11.28 -19.70 15.73
CA MET A 372 11.47 -18.26 15.92
C MET A 372 12.37 -17.68 14.85
N ALA A 373 12.63 -16.39 14.94
CA ALA A 373 13.39 -15.69 13.92
C ALA A 373 14.75 -15.24 14.45
N GLN A 374 15.56 -14.72 13.53
CA GLN A 374 16.83 -14.12 13.89
C GLN A 374 17.18 -13.12 12.80
N GLY A 375 17.18 -11.84 13.16
CA GLY A 375 17.37 -10.78 12.18
C GLY A 375 16.27 -10.85 11.15
N ALA A 376 16.65 -10.98 9.88
CA ALA A 376 15.67 -11.01 8.80
C ALA A 376 15.42 -12.43 8.31
N VAL A 377 15.94 -13.42 9.04
CA VAL A 377 15.77 -14.81 8.64
C VAL A 377 14.79 -15.55 9.55
N MET A 378 13.78 -16.18 8.94
CA MET A 378 12.76 -16.92 9.67
C MET A 378 12.16 -18.00 8.79
N PRO A 379 11.95 -19.20 9.35
CA PRO A 379 11.21 -20.24 8.62
C PRO A 379 9.72 -19.92 8.61
N ALA A 380 8.99 -20.46 7.64
CA ALA A 380 7.54 -20.31 7.61
C ALA A 380 6.96 -20.88 8.89
N THR A 381 6.22 -20.06 9.62
CA THR A 381 5.75 -20.43 10.95
C THR A 381 4.24 -20.28 11.10
N ILE A 382 3.59 -21.31 11.67
CA ILE A 382 2.17 -21.24 11.98
C ILE A 382 1.92 -21.54 13.46
N LEU A 383 1.20 -20.66 14.13
CA LEU A 383 0.82 -20.87 15.53
C LEU A 383 -0.66 -21.23 15.60
N ASP A 384 -0.96 -22.28 16.37
CA ASP A 384 -2.33 -22.76 16.53
C ASP A 384 -2.82 -22.50 17.95
N HIS A 385 -4.14 -22.52 18.13
CA HIS A 385 -4.77 -22.24 19.42
C HIS A 385 -4.34 -20.88 19.97
N VAL A 386 -4.38 -19.87 19.12
CA VAL A 386 -4.13 -18.51 19.53
C VAL A 386 -5.42 -17.91 20.13
N LYS A 387 -5.28 -17.21 21.24
CA LYS A 387 -6.43 -16.71 21.98
C LYS A 387 -6.33 -15.20 22.19
N SER A 388 -7.44 -14.58 22.57
CA SER A 388 -7.56 -13.13 22.62
C SER A 388 -6.66 -12.41 23.62
N ASP A 389 -6.03 -13.17 24.52
CA ASP A 389 -5.14 -12.58 25.52
C ASP A 389 -3.69 -12.46 25.02
N MET A 390 -3.42 -13.08 23.89
CA MET A 390 -2.08 -13.02 23.30
C MET A 390 -1.96 -11.78 22.41
N ARG A 391 -0.80 -11.13 22.48
CA ARG A 391 -0.56 -9.95 21.65
C ARG A 391 -0.71 -10.26 20.17
N ILE A 392 -0.20 -11.42 19.75
CA ILE A 392 -0.21 -11.80 18.34
C ILE A 392 -1.62 -12.05 17.79
N TYR A 393 -2.60 -12.18 18.70
CA TYR A 393 -4.00 -12.30 18.32
C TYR A 393 -4.46 -11.17 17.39
N ASP A 394 -4.03 -9.94 17.64
CA ASP A 394 -4.47 -8.84 16.79
C ASP A 394 -3.35 -7.89 16.39
N GLU A 395 -2.18 -8.03 16.99
CA GLU A 395 -1.04 -7.20 16.59
C GLU A 395 -0.48 -7.66 15.25
N GLU A 396 -0.30 -6.71 14.34
CA GLU A 396 0.25 -7.03 13.02
C GLU A 396 1.69 -7.50 13.13
N THR A 397 2.01 -8.58 12.42
CA THR A 397 3.35 -9.14 12.43
C THR A 397 3.88 -9.25 11.00
N PHE A 398 4.78 -8.35 10.63
CA PHE A 398 5.28 -8.32 9.26
C PHE A 398 6.31 -9.40 9.02
N GLY A 399 5.85 -10.60 8.70
CA GLY A 399 6.75 -11.72 8.52
C GLY A 399 6.08 -13.00 8.07
N PRO A 400 6.89 -14.02 7.73
CA PRO A 400 6.43 -15.35 7.32
C PRO A 400 5.90 -16.14 8.52
N ILE A 401 4.97 -15.53 9.25
CA ILE A 401 4.30 -16.17 10.37
C ILE A 401 2.83 -15.83 10.30
N THR A 402 1.98 -16.73 10.77
CA THR A 402 0.55 -16.51 10.78
C THR A 402 -0.12 -17.34 11.90
N VAL A 403 -1.30 -16.90 12.34
CA VAL A 403 -1.96 -17.53 13.49
C VAL A 403 -3.32 -18.14 13.18
N VAL A 404 -3.61 -19.25 13.87
CA VAL A 404 -4.90 -19.91 13.74
C VAL A 404 -5.75 -19.65 14.98
N ILE A 405 -6.93 -19.06 14.77
CA ILE A 405 -7.89 -18.92 15.85
C ILE A 405 -9.08 -19.81 15.56
N ARG A 406 -9.35 -20.74 16.46
CA ARG A 406 -10.46 -21.67 16.30
C ARG A 406 -11.73 -21.05 16.85
N CYS A 407 -12.87 -21.38 16.23
CA CYS A 407 -14.15 -20.84 16.66
C CYS A 407 -15.27 -21.85 16.46
N LYS A 408 -16.40 -21.58 17.09
CA LYS A 408 -17.57 -22.42 16.94
C LYS A 408 -18.73 -21.62 16.38
N GLY A 409 -19.03 -21.82 15.10
CA GLY A 409 -20.22 -21.26 14.52
C GLY A 409 -20.03 -19.98 13.74
N GLU A 410 -21.01 -19.67 12.91
CA GLU A 410 -20.99 -18.53 12.03
C GLU A 410 -20.93 -17.20 12.80
N ALA A 411 -21.70 -17.13 13.88
CA ALA A 411 -21.77 -15.92 14.68
C ALA A 411 -20.42 -15.59 15.32
N GLU A 412 -19.79 -16.60 15.94
CA GLU A 412 -18.52 -16.39 16.61
C GLU A 412 -17.42 -16.03 15.61
N ALA A 413 -17.52 -16.56 14.40
CA ALA A 413 -16.58 -16.22 13.33
C ALA A 413 -16.64 -14.72 13.02
N ILE A 414 -17.86 -14.22 12.84
CA ILE A 414 -18.05 -12.80 12.56
C ILE A 414 -17.50 -11.95 13.71
N ARG A 415 -17.77 -12.39 14.94
CA ARG A 415 -17.31 -11.70 16.13
C ARG A 415 -15.79 -11.57 16.13
N ILE A 416 -15.10 -12.69 15.95
CA ILE A 416 -13.64 -12.72 15.94
C ILE A 416 -13.05 -11.88 14.82
N ALA A 417 -13.65 -11.94 13.64
CA ALA A 417 -13.19 -11.11 12.54
C ALA A 417 -13.39 -9.64 12.89
N ASN A 418 -14.56 -9.32 13.42
CA ASN A 418 -14.91 -7.94 13.72
C ASN A 418 -14.24 -7.36 14.96
N ASP A 419 -13.60 -8.23 15.76
CA ASP A 419 -12.96 -7.73 16.98
C ASP A 419 -11.52 -7.24 16.75
N SER A 420 -11.04 -7.38 15.52
CA SER A 420 -9.75 -6.82 15.16
C SER A 420 -9.81 -5.31 15.17
N VAL A 421 -8.68 -4.69 15.48
CA VAL A 421 -8.58 -3.24 15.46
C VAL A 421 -8.36 -2.75 14.04
N TYR A 422 -8.08 -3.69 13.13
CA TYR A 422 -7.88 -3.39 11.72
C TYR A 422 -9.06 -3.88 10.88
N GLY A 423 -9.05 -3.52 9.60
CA GLY A 423 -10.09 -3.93 8.67
C GLY A 423 -9.70 -3.68 7.24
N LEU A 424 -8.60 -4.30 6.79
CA LEU A 424 -8.10 -4.11 5.43
C LEU A 424 -8.72 -5.11 4.46
N SER A 425 -8.22 -6.33 4.49
CA SER A 425 -8.68 -7.36 3.58
C SER A 425 -9.14 -8.60 4.34
N SER A 426 -9.89 -9.46 3.68
CA SER A 426 -10.38 -10.67 4.31
C SER A 426 -10.89 -11.66 3.27
N GLY A 427 -10.92 -12.93 3.66
CA GLY A 427 -11.46 -13.98 2.80
C GLY A 427 -12.41 -14.86 3.58
N VAL A 428 -13.47 -15.33 2.93
CA VAL A 428 -14.44 -16.19 3.59
C VAL A 428 -14.69 -17.46 2.79
N PHE A 429 -14.25 -18.60 3.31
CA PHE A 429 -14.44 -19.87 2.61
C PHE A 429 -15.60 -20.70 3.14
N GLY A 430 -16.56 -20.99 2.27
CA GLY A 430 -17.68 -21.83 2.61
C GLY A 430 -18.37 -22.32 1.35
N ARG A 431 -18.76 -23.59 1.33
CA ARG A 431 -19.46 -24.14 0.18
C ARG A 431 -20.87 -23.54 -0.03
N ASP A 432 -21.54 -23.20 1.07
CA ASP A 432 -22.80 -22.43 1.02
C ASP A 432 -22.42 -20.97 0.90
N ILE A 433 -22.60 -20.43 -0.30
CA ILE A 433 -22.24 -19.06 -0.57
C ILE A 433 -23.22 -18.06 0.08
N ASN A 434 -24.49 -18.45 0.19
CA ASN A 434 -25.46 -17.62 0.90
C ASN A 434 -24.96 -17.32 2.29
N ARG A 435 -24.52 -18.36 2.99
CA ARG A 435 -23.93 -18.17 4.31
C ARG A 435 -22.65 -17.34 4.25
N ALA A 436 -21.71 -17.75 3.42
CA ALA A 436 -20.44 -17.03 3.29
C ALA A 436 -20.68 -15.53 3.06
N LEU A 437 -21.73 -15.23 2.29
CA LEU A 437 -22.12 -13.85 2.03
C LEU A 437 -22.60 -13.12 3.29
N ARG A 438 -23.37 -13.81 4.13
CA ARG A 438 -23.84 -13.25 5.40
C ARG A 438 -22.67 -12.74 6.23
N VAL A 439 -21.71 -13.63 6.47
CA VAL A 439 -20.52 -13.22 7.22
C VAL A 439 -19.72 -12.19 6.40
N GLY A 440 -19.58 -12.43 5.11
CA GLY A 440 -18.85 -11.52 4.26
C GLY A 440 -19.39 -10.11 4.36
N MET A 441 -20.70 -9.99 4.40
CA MET A 441 -21.33 -8.68 4.42
C MET A 441 -21.33 -8.05 5.82
N SER A 442 -21.24 -8.88 6.84
CA SER A 442 -21.29 -8.42 8.22
C SER A 442 -19.93 -7.98 8.78
N ILE A 443 -18.84 -8.49 8.19
CA ILE A 443 -17.50 -8.16 8.69
C ILE A 443 -17.02 -6.78 8.22
N GLU A 444 -16.21 -6.15 9.08
CA GLU A 444 -15.82 -4.74 8.90
C GLU A 444 -14.49 -4.60 8.14
N TYR A 445 -14.53 -4.88 6.85
CA TYR A 445 -13.32 -4.93 6.04
C TYR A 445 -13.47 -4.19 4.71
N GLY A 446 -12.42 -3.51 4.28
CA GLY A 446 -12.43 -2.80 3.02
C GLY A 446 -12.51 -3.76 1.85
N CYS A 447 -11.95 -4.96 2.02
CA CYS A 447 -11.99 -5.98 0.97
C CYS A 447 -12.45 -7.32 1.54
N VAL A 448 -13.49 -7.90 0.94
CA VAL A 448 -13.98 -9.22 1.33
C VAL A 448 -13.98 -10.15 0.11
N HIS A 449 -13.35 -11.31 0.24
CA HIS A 449 -13.25 -12.23 -0.89
C HIS A 449 -13.90 -13.58 -0.60
N ILE A 450 -15.04 -13.81 -1.24
CA ILE A 450 -15.79 -15.05 -1.01
C ILE A 450 -15.12 -16.20 -1.75
N ASN A 451 -14.60 -17.15 -0.97
CA ASN A 451 -13.78 -18.23 -1.49
C ASN A 451 -12.56 -17.72 -2.27
N GLY A 452 -11.93 -16.68 -1.73
CA GLY A 452 -10.71 -16.14 -2.31
C GLY A 452 -9.68 -15.80 -1.24
N SER A 453 -8.44 -15.57 -1.65
CA SER A 453 -7.40 -15.22 -0.70
C SER A 453 -7.59 -13.80 -0.17
N THR A 454 -6.82 -13.44 0.85
CA THR A 454 -6.86 -12.07 1.39
C THR A 454 -5.96 -11.13 0.61
N VAL A 455 -5.12 -11.68 -0.26
CA VAL A 455 -4.16 -10.87 -1.02
C VAL A 455 -4.61 -10.63 -2.45
N GLN A 456 -5.47 -9.63 -2.63
CA GLN A 456 -5.95 -9.26 -3.96
C GLN A 456 -5.99 -7.75 -4.12
N ASN A 457 -5.80 -7.29 -5.35
CA ASN A 457 -5.89 -5.87 -5.68
C ASN A 457 -6.01 -5.70 -7.18
N GLU A 458 -7.11 -5.08 -7.60
CA GLU A 458 -7.32 -4.76 -9.01
C GLU A 458 -7.51 -3.24 -9.09
N ALA A 459 -7.04 -2.64 -10.18
CA ALA A 459 -7.03 -1.20 -10.29
C ALA A 459 -8.43 -0.62 -10.51
N GLN A 460 -9.36 -1.44 -11.02
CA GLN A 460 -10.74 -1.02 -11.21
C GLN A 460 -11.49 -0.99 -9.89
N ALA A 461 -10.91 -1.61 -8.88
CA ALA A 461 -11.61 -1.84 -7.62
C ALA A 461 -10.97 -1.03 -6.53
N PRO A 462 -11.79 -0.33 -5.73
CA PRO A 462 -11.27 0.53 -4.66
C PRO A 462 -10.45 -0.27 -3.67
N TYR A 463 -9.30 0.26 -3.26
CA TYR A 463 -8.48 -0.42 -2.28
C TYR A 463 -8.25 0.43 -1.03
N GLY A 464 -8.69 -0.10 0.11
CA GLY A 464 -8.56 0.58 1.38
C GLY A 464 -9.19 -0.20 2.52
N GLY A 465 -9.04 0.30 3.74
CA GLY A 465 -9.61 -0.36 4.91
C GLY A 465 -10.42 0.55 5.83
N THR A 466 -10.95 -0.03 6.90
CA THR A 466 -11.67 0.71 7.92
C THR A 466 -10.87 0.69 9.20
N LYS A 467 -11.34 1.42 10.21
CA LYS A 467 -10.68 1.44 11.52
C LYS A 467 -9.21 1.83 11.45
N ASN A 468 -8.36 1.11 12.17
CA ASN A 468 -6.94 1.43 12.24
C ASN A 468 -6.20 1.27 10.91
N THR A 469 -6.89 0.71 9.91
CA THR A 469 -6.31 0.60 8.57
C THR A 469 -6.30 1.97 7.87
N GLY A 470 -7.03 2.91 8.44
CA GLY A 470 -7.05 4.27 7.93
C GLY A 470 -8.37 4.68 7.30
N TYR A 471 -8.29 5.53 6.30
CA TYR A 471 -9.45 5.97 5.54
C TYR A 471 -9.01 6.53 4.20
N GLY A 472 -9.96 6.72 3.30
CA GLY A 472 -9.60 7.12 1.95
C GLY A 472 -9.41 5.88 1.10
N ARG A 473 -9.06 6.07 -0.16
CA ARG A 473 -9.01 4.93 -1.08
C ARG A 473 -8.16 5.17 -2.33
N PHE A 474 -7.29 4.20 -2.63
CA PHE A 474 -6.62 4.16 -3.94
C PHE A 474 -7.42 3.23 -4.86
N ASP A 475 -7.13 3.30 -6.16
CA ASP A 475 -7.77 2.45 -7.18
C ASP A 475 -9.29 2.66 -7.33
N GLY A 476 -9.86 2.09 -8.39
CA GLY A 476 -11.27 2.23 -8.65
C GLY A 476 -11.70 3.67 -8.95
N ARG A 477 -12.99 3.90 -9.06
CA ARG A 477 -13.46 5.26 -9.28
C ARG A 477 -13.28 6.10 -8.02
N ALA A 478 -13.25 5.46 -6.86
CA ALA A 478 -13.18 6.18 -5.59
C ALA A 478 -11.93 7.03 -5.40
N VAL A 479 -10.86 6.66 -6.09
CA VAL A 479 -9.59 7.34 -5.93
C VAL A 479 -9.68 8.77 -6.49
N ILE A 480 -10.62 9.01 -7.38
CA ILE A 480 -10.75 10.31 -8.04
C ILE A 480 -11.05 11.44 -7.06
N ASP A 481 -11.98 11.19 -6.15
CA ASP A 481 -12.33 12.18 -5.16
C ASP A 481 -11.15 12.53 -4.26
N GLU A 482 -10.20 11.61 -4.16
CA GLU A 482 -9.04 11.82 -3.31
C GLU A 482 -8.13 12.91 -3.85
N PHE A 483 -8.12 13.07 -5.17
CA PHE A 483 -7.18 14.00 -5.80
C PHE A 483 -7.89 15.00 -6.70
N THR A 484 -9.12 15.35 -6.33
CA THR A 484 -9.85 16.39 -7.04
C THR A 484 -10.52 17.35 -6.08
N GLU A 485 -10.70 18.58 -6.55
CA GLU A 485 -11.58 19.51 -5.87
C GLU A 485 -12.96 19.31 -6.45
N LEU A 486 -13.95 19.15 -5.60
CA LEU A 486 -15.34 19.11 -6.04
C LEU A 486 -15.95 20.49 -5.81
N LYS A 487 -16.33 21.14 -6.90
CA LYS A 487 -16.84 22.49 -6.82
C LYS A 487 -18.29 22.56 -7.28
N TRP A 488 -19.13 23.21 -6.47
CA TRP A 488 -20.51 23.44 -6.85
C TRP A 488 -20.58 24.79 -7.51
N LEU A 489 -20.93 24.81 -8.80
CA LEU A 489 -20.97 26.05 -9.57
C LEU A 489 -22.37 26.34 -10.12
N THR A 490 -22.79 27.59 -10.02
CA THR A 490 -24.07 28.00 -10.58
C THR A 490 -23.87 29.12 -11.58
N ILE A 491 -24.73 29.13 -12.61
CA ILE A 491 -24.75 30.22 -13.56
C ILE A 491 -26.15 30.82 -13.55
N GLU A 492 -26.26 32.05 -13.05
CA GLU A 492 -27.57 32.60 -12.70
C GLU A 492 -27.92 33.79 -13.56
N PRO A 493 -29.22 34.09 -13.67
CA PRO A 493 -29.65 35.26 -14.46
C PRO A 493 -29.22 36.54 -13.78
N PHE A 494 -29.12 37.63 -14.54
CA PHE A 494 -28.76 38.91 -13.96
C PHE A 494 -29.85 39.36 -13.00
N GLU A 495 -31.10 39.32 -13.46
CA GLU A 495 -32.24 39.74 -12.65
C GLU A 495 -32.78 38.59 -11.79
N GLN A 496 -32.66 38.74 -10.47
CA GLN A 496 -33.31 37.84 -9.53
C GLN A 496 -33.75 38.58 -8.26
N GLN A 497 -34.67 37.97 -7.51
CA GLN A 497 -35.27 38.62 -6.34
C GLN A 497 -34.60 38.23 -5.02
N TYR A 498 -34.53 39.20 -4.11
CA TYR A 498 -33.99 38.96 -2.78
C TYR A 498 -34.98 39.47 -1.71
N PRO A 499 -35.04 38.79 -0.56
CA PRO A 499 -35.95 39.12 0.54
C PRO A 499 -35.81 40.56 1.03
N PHE A 500 -34.58 41.05 1.10
CA PHE A 500 -34.36 42.43 1.52
C PHE A 500 -33.31 43.11 0.66
#